data_8B4Q
#
_entry.id   8B4Q
#
_cell.length_a   82.620
_cell.length_b   112.243
_cell.length_c   62.499
_cell.angle_alpha   90.000
_cell.angle_beta   90.000
_cell.angle_gamma   90.000
#
_symmetry.space_group_name_H-M   'C 2 2 21'
#
loop_
_entity.id
_entity.type
_entity.pdbx_description
1 polymer '14-3-3 protein sigma'
2 polymer 'Estrogen-related receptor gamma'
3 non-polymer 'MAGNESIUM ION'
4 non-polymer 'CHLORIDE ION'
5 non-polymer 3-fluoranyl-4-methanoyl-~{N}-methyl-~{N}-(2-sulfanylethyl)benzamide
6 water water
#
loop_
_entity_poly.entity_id
_entity_poly.type
_entity_poly.pdbx_seq_one_letter_code
_entity_poly.pdbx_strand_id
1 'polypeptide(L)'
;GAMGSMERASLIQKAKLAEQAERYEDMAAFMKGAVEKGEELSNEERNLLSVAYKNVVGGQRAAWRVLSSIEQKSNEEGSE
EKGPEVREYREKVETELQGVCDTVLGLLDSHLIKEAGDAESRVFYLKMKGDYYRYLAEVATGDDKKRIIDSARSAYQEAM
DISKKEMPPTNPIRLGLALNFSVFHYEIANSPEEAISLAKTTFDEAMADLHTLSEDSYKDSTLIMQLLRDNLTLWT
;
A
2 'polypeptide(L)' KRRRK(SEP)CQA(NH2) B
#
# COMPACT_ATOMS: atom_id res chain seq x y z
N GLY A 1 -1.42 -0.53 24.04
CA GLY A 1 -0.03 -0.63 24.43
C GLY A 1 0.55 0.66 24.94
N ALA A 2 1.75 1.01 24.45
CA ALA A 2 2.50 2.15 24.95
C ALA A 2 1.78 3.48 24.76
N MET A 3 0.84 3.57 23.82
CA MET A 3 0.09 4.80 23.60
C MET A 3 -1.25 4.83 24.31
N GLY A 4 -1.55 3.82 25.13
CA GLY A 4 -2.85 3.77 25.79
C GLY A 4 -3.14 4.93 26.72
N SER A 5 -2.10 5.56 27.27
N SER A 5 -2.09 5.56 27.26
CA SER A 5 -2.31 6.67 28.18
CA SER A 5 -2.26 6.68 28.18
C SER A 5 -2.37 8.03 27.48
C SER A 5 -2.36 8.03 27.49
N MET A 6 -2.12 8.12 26.18
CA MET A 6 -2.18 9.38 25.48
C MET A 6 -3.55 9.60 24.86
N GLU A 7 -4.04 10.84 24.94
CA GLU A 7 -5.30 11.23 24.33
C GLU A 7 -5.28 10.99 22.84
N ARG A 8 -6.44 10.59 22.29
CA ARG A 8 -6.54 10.41 20.84
C ARG A 8 -6.11 11.65 20.08
N ALA A 9 -6.58 12.83 20.50
CA ALA A 9 -6.26 14.03 19.75
C ALA A 9 -4.77 14.35 19.82
N SER A 10 -4.14 14.07 20.97
CA SER A 10 -2.69 14.28 21.10
C SER A 10 -1.91 13.33 20.21
N LEU A 11 -2.37 12.09 20.05
CA LEU A 11 -1.71 11.16 19.14
C LEU A 11 -1.79 11.66 17.71
N ILE A 12 -2.94 12.19 17.30
N ILE A 12 -2.93 12.19 17.30
CA ILE A 12 -3.09 12.72 15.95
CA ILE A 12 -3.05 12.71 15.93
C ILE A 12 -2.20 13.93 15.76
C ILE A 12 -2.20 13.95 15.74
N GLN A 13 -2.19 14.85 16.74
CA GLN A 13 -1.32 16.02 16.67
C GLN A 13 0.15 15.62 16.55
N LYS A 14 0.58 14.64 17.34
CA LYS A 14 1.97 14.20 17.29
C LYS A 14 2.27 13.45 15.99
N ALA A 15 1.30 12.71 15.44
CA ALA A 15 1.53 12.09 14.13
C ALA A 15 1.82 13.15 13.08
N LYS A 16 1.12 14.29 13.14
CA LYS A 16 1.35 15.34 12.16
C LYS A 16 2.72 15.98 12.36
N LEU A 17 3.14 16.15 13.62
CA LEU A 17 4.48 16.67 13.90
C LEU A 17 5.54 15.68 13.42
N ALA A 18 5.33 14.39 13.67
CA ALA A 18 6.29 13.38 13.23
C ALA A 18 6.42 13.38 11.71
N GLU A 19 5.30 13.56 10.98
CA GLU A 19 5.40 13.68 9.53
C GLU A 19 6.29 14.86 9.13
N GLN A 20 6.08 16.03 9.76
CA GLN A 20 6.88 17.21 9.43
C GLN A 20 8.36 16.96 9.70
N ALA A 21 8.68 16.18 10.73
CA ALA A 21 10.05 15.88 11.10
C ALA A 21 10.60 14.65 10.38
N GLU A 22 9.79 14.02 9.53
N GLU A 22 9.83 14.06 9.47
CA GLU A 22 10.17 12.84 8.75
CA GLU A 22 10.23 12.84 8.79
C GLU A 22 10.47 11.63 9.65
C GLU A 22 10.64 11.75 9.77
N ARG A 23 9.83 11.59 10.82
CA ARG A 23 10.00 10.52 11.80
C ARG A 23 8.84 9.54 11.61
N TYR A 24 8.96 8.73 10.57
CA TYR A 24 7.81 7.92 10.16
C TYR A 24 7.55 6.74 11.07
N GLU A 25 8.58 6.18 11.71
CA GLU A 25 8.34 5.16 12.74
C GLU A 25 7.50 5.72 13.88
N ASP A 26 7.86 6.92 14.37
CA ASP A 26 7.06 7.53 15.42
C ASP A 26 5.65 7.81 14.90
N MET A 27 5.54 8.30 13.67
CA MET A 27 4.24 8.61 13.09
C MET A 27 3.34 7.39 13.10
N ALA A 28 3.90 6.24 12.69
CA ALA A 28 3.13 5.01 12.64
C ALA A 28 2.72 4.57 14.03
N ALA A 29 3.62 4.68 15.00
CA ALA A 29 3.26 4.31 16.38
C ALA A 29 2.16 5.20 16.92
N PHE A 30 2.21 6.50 16.64
CA PHE A 30 1.14 7.39 17.08
C PHE A 30 -0.18 7.03 16.43
N MET A 31 -0.17 6.74 15.12
CA MET A 31 -1.42 6.43 14.44
C MET A 31 -1.97 5.07 14.85
N LYS A 32 -1.09 4.09 15.11
CA LYS A 32 -1.55 2.83 15.69
C LYS A 32 -2.24 3.07 17.03
N GLY A 33 -1.66 3.91 17.89
CA GLY A 33 -2.32 4.24 19.13
C GLY A 33 -3.67 4.90 18.89
N ALA A 34 -3.76 5.78 17.90
CA ALA A 34 -5.04 6.42 17.62
C ALA A 34 -6.08 5.40 17.16
N VAL A 35 -5.70 4.48 16.26
CA VAL A 35 -6.65 3.46 15.83
C VAL A 35 -7.13 2.64 17.01
N GLU A 36 -6.21 2.28 17.91
CA GLU A 36 -6.56 1.42 19.04
C GLU A 36 -7.47 2.10 20.05
N LYS A 37 -7.72 3.41 19.93
CA LYS A 37 -8.74 4.03 20.75
C LYS A 37 -10.13 3.50 20.44
N GLY A 38 -10.33 2.92 19.25
CA GLY A 38 -11.57 2.23 18.92
C GLY A 38 -12.57 3.05 18.15
N GLU A 39 -12.32 4.33 17.95
CA GLU A 39 -13.23 5.14 17.15
C GLU A 39 -12.83 5.06 15.68
N GLU A 40 -13.82 5.27 14.80
CA GLU A 40 -13.55 5.33 13.37
C GLU A 40 -12.61 6.49 13.06
N LEU A 41 -11.94 6.40 11.91
CA LEU A 41 -11.01 7.44 11.47
C LEU A 41 -11.67 8.34 10.44
N SER A 42 -11.37 9.63 10.51
CA SER A 42 -11.77 10.57 9.47
C SER A 42 -10.91 10.38 8.21
N ASN A 43 -11.30 11.08 7.14
CA ASN A 43 -10.52 11.01 5.89
C ASN A 43 -9.07 11.41 6.14
N GLU A 44 -8.86 12.52 6.86
CA GLU A 44 -7.50 12.98 7.10
C GLU A 44 -6.74 11.97 7.95
N GLU A 45 -7.40 11.39 8.95
CA GLU A 45 -6.73 10.44 9.82
C GLU A 45 -6.37 9.15 9.07
N ARG A 46 -7.24 8.71 8.15
CA ARG A 46 -6.90 7.54 7.35
C ARG A 46 -5.67 7.83 6.51
N ASN A 47 -5.57 9.04 5.95
N ASN A 47 -5.58 9.04 5.95
CA ASN A 47 -4.39 9.41 5.16
CA ASN A 47 -4.40 9.40 5.17
C ASN A 47 -3.13 9.44 6.02
C ASN A 47 -3.15 9.40 6.03
N LEU A 48 -3.24 9.89 7.28
CA LEU A 48 -2.07 9.88 8.15
C LEU A 48 -1.61 8.47 8.45
N LEU A 49 -2.56 7.57 8.71
CA LEU A 49 -2.23 6.17 8.95
C LEU A 49 -1.51 5.58 7.75
N SER A 50 -2.03 5.84 6.55
CA SER A 50 -1.46 5.30 5.33
C SER A 50 -0.06 5.84 5.05
N VAL A 51 0.10 7.17 5.15
N VAL A 51 0.14 7.15 5.18
CA VAL A 51 1.41 7.78 4.94
CA VAL A 51 1.45 7.70 4.87
C VAL A 51 2.45 7.15 5.86
C VAL A 51 2.50 7.22 5.87
N ALA A 52 2.10 7.04 7.14
CA ALA A 52 3.06 6.58 8.14
C ALA A 52 3.57 5.19 7.81
N TYR A 53 2.64 4.25 7.65
CA TYR A 53 3.05 2.87 7.41
C TYR A 53 3.66 2.68 6.02
N LYS A 54 3.21 3.43 5.01
CA LYS A 54 3.80 3.27 3.69
C LYS A 54 5.26 3.70 3.70
N ASN A 55 5.58 4.74 4.47
CA ASN A 55 6.97 5.16 4.56
C ASN A 55 7.81 4.16 5.33
N VAL A 56 7.30 3.64 6.45
CA VAL A 56 8.04 2.64 7.21
C VAL A 56 8.32 1.41 6.35
N VAL A 57 7.26 0.81 5.78
N VAL A 57 7.26 0.83 5.77
CA VAL A 57 7.48 -0.40 4.99
CA VAL A 57 7.46 -0.40 5.01
C VAL A 57 8.30 -0.08 3.76
C VAL A 57 8.22 -0.10 3.71
N GLY A 58 8.13 1.12 3.19
CA GLY A 58 8.86 1.46 1.98
C GLY A 58 10.36 1.42 2.21
N GLY A 59 10.81 1.90 3.37
CA GLY A 59 12.23 1.81 3.69
C GLY A 59 12.66 0.36 3.86
N GLN A 60 11.83 -0.45 4.51
CA GLN A 60 12.17 -1.86 4.68
C GLN A 60 12.22 -2.59 3.34
N ARG A 61 11.27 -2.31 2.45
CA ARG A 61 11.23 -2.98 1.15
C ARG A 61 12.46 -2.61 0.32
N ALA A 62 12.84 -1.33 0.34
CA ALA A 62 14.01 -0.92 -0.41
C ALA A 62 15.26 -1.60 0.11
N ALA A 63 15.39 -1.70 1.45
CA ALA A 63 16.54 -2.38 2.04
C ALA A 63 16.53 -3.86 1.71
N TRP A 64 15.35 -4.48 1.77
CA TRP A 64 15.23 -5.90 1.41
C TRP A 64 15.67 -6.15 -0.02
N ARG A 65 15.32 -5.25 -0.95
CA ARG A 65 15.71 -5.46 -2.34
C ARG A 65 17.22 -5.35 -2.51
N VAL A 66 17.86 -4.40 -1.79
CA VAL A 66 19.32 -4.29 -1.84
C VAL A 66 19.96 -5.59 -1.37
N LEU A 67 19.52 -6.08 -0.21
CA LEU A 67 20.08 -7.29 0.37
C LEU A 67 19.78 -8.52 -0.47
N SER A 68 18.57 -8.60 -1.03
N SER A 68 18.58 -8.60 -1.04
CA SER A 68 18.23 -9.74 -1.89
CA SER A 68 18.24 -9.74 -1.89
C SER A 68 19.11 -9.78 -3.13
C SER A 68 19.11 -9.78 -3.13
N SER A 69 19.40 -8.61 -3.72
CA SER A 69 20.28 -8.57 -4.88
C SER A 69 21.68 -9.06 -4.51
N ILE A 70 22.20 -8.63 -3.36
CA ILE A 70 23.52 -9.08 -2.93
C ILE A 70 23.53 -10.59 -2.73
N GLU A 71 22.48 -11.10 -2.09
CA GLU A 71 22.38 -12.54 -1.85
C GLU A 71 22.32 -13.30 -3.17
N GLN A 72 21.58 -12.78 -4.15
CA GLN A 72 21.49 -13.46 -5.45
C GLN A 72 22.86 -13.53 -6.10
N LYS A 73 23.59 -12.43 -6.11
CA LYS A 73 24.93 -12.44 -6.68
C LYS A 73 25.83 -13.45 -5.97
N SER A 74 25.66 -13.59 -4.65
CA SER A 74 26.48 -14.52 -3.90
C SER A 74 26.24 -15.97 -4.30
N ASN A 75 25.09 -16.28 -4.87
CA ASN A 75 24.75 -17.63 -5.29
C ASN A 75 25.00 -17.87 -6.77
N GLU A 76 25.66 -16.93 -7.45
CA GLU A 76 26.06 -17.11 -8.83
C GLU A 76 27.36 -17.91 -8.89
N GLU A 77 27.54 -18.66 -9.97
CA GLU A 77 28.76 -19.45 -10.14
C GLU A 77 29.97 -18.54 -10.17
N GLY A 78 31.04 -18.97 -9.49
CA GLY A 78 32.25 -18.18 -9.40
C GLY A 78 32.30 -17.20 -8.25
N SER A 79 31.22 -17.06 -7.50
CA SER A 79 31.22 -16.17 -6.34
C SER A 79 31.83 -16.90 -5.14
N GLU A 80 32.66 -16.17 -4.40
CA GLU A 80 33.29 -16.73 -3.21
C GLU A 80 32.26 -16.96 -2.12
N GLU A 81 32.47 -18.03 -1.34
CA GLU A 81 31.62 -18.28 -0.18
C GLU A 81 31.99 -17.30 0.92
N LYS A 82 31.00 -16.55 1.40
CA LYS A 82 31.22 -15.54 2.43
C LYS A 82 30.52 -15.86 3.74
N GLY A 83 29.91 -17.05 3.85
CA GLY A 83 29.26 -17.45 5.07
C GLY A 83 27.79 -17.09 5.08
N PRO A 84 27.15 -17.24 6.24
CA PRO A 84 25.70 -17.08 6.34
C PRO A 84 25.24 -15.64 6.53
N GLU A 85 26.15 -14.67 6.58
CA GLU A 85 25.77 -13.33 7.04
C GLU A 85 24.79 -12.63 6.11
N VAL A 86 24.96 -12.73 4.80
CA VAL A 86 24.07 -12.03 3.89
C VAL A 86 22.64 -12.57 4.04
N ARG A 87 22.51 -13.89 4.02
CA ARG A 87 21.20 -14.52 4.24
C ARG A 87 20.62 -14.12 5.59
N GLU A 88 21.43 -14.20 6.65
CA GLU A 88 20.93 -13.88 7.98
C GLU A 88 20.40 -12.45 8.02
N TYR A 89 21.14 -11.51 7.45
CA TYR A 89 20.72 -10.12 7.53
C TYR A 89 19.51 -9.83 6.64
N ARG A 90 19.47 -10.41 5.44
CA ARG A 90 18.27 -10.32 4.62
C ARG A 90 17.06 -10.88 5.37
N GLU A 91 17.24 -12.01 6.06
CA GLU A 91 16.16 -12.59 6.85
C GLU A 91 15.73 -11.68 7.98
N LYS A 92 16.69 -11.02 8.63
CA LYS A 92 16.35 -10.08 9.71
C LYS A 92 15.46 -8.96 9.20
N VAL A 93 15.88 -8.33 8.10
CA VAL A 93 15.08 -7.26 7.51
C VAL A 93 13.73 -7.78 7.05
N GLU A 94 13.71 -8.97 6.45
CA GLU A 94 12.46 -9.56 5.98
C GLU A 94 11.49 -9.79 7.13
N THR A 95 11.98 -10.32 8.26
CA THR A 95 11.13 -10.59 9.40
C THR A 95 10.56 -9.29 9.96
N GLU A 96 11.36 -8.23 10.00
N GLU A 96 11.35 -8.23 10.02
CA GLU A 96 10.89 -6.92 10.47
CA GLU A 96 10.83 -6.96 10.50
C GLU A 96 9.83 -6.35 9.55
C GLU A 96 9.77 -6.42 9.56
N LEU A 97 10.03 -6.51 8.24
CA LEU A 97 9.04 -6.07 7.26
C LEU A 97 7.72 -6.84 7.42
N GLN A 98 7.81 -8.16 7.54
CA GLN A 98 6.62 -8.97 7.74
C GLN A 98 5.88 -8.55 9.00
N GLY A 99 6.63 -8.21 10.06
CA GLY A 99 5.99 -7.76 11.28
C GLY A 99 5.21 -6.48 11.10
N VAL A 100 5.75 -5.54 10.33
CA VAL A 100 5.00 -4.31 10.08
C VAL A 100 3.75 -4.61 9.26
N CYS A 101 3.87 -5.47 8.24
CA CYS A 101 2.68 -5.84 7.47
C CYS A 101 1.64 -6.49 8.35
N ASP A 102 2.06 -7.41 9.23
CA ASP A 102 1.11 -8.06 10.13
C ASP A 102 0.46 -7.05 11.07
N THR A 103 1.22 -6.04 11.51
CA THR A 103 0.65 -4.99 12.37
C THR A 103 -0.44 -4.23 11.64
N VAL A 104 -0.19 -3.81 10.40
CA VAL A 104 -1.21 -3.06 9.65
C VAL A 104 -2.41 -3.95 9.40
N LEU A 105 -2.18 -5.19 8.94
CA LEU A 105 -3.30 -6.09 8.69
C LEU A 105 -4.09 -6.34 9.96
N GLY A 106 -3.43 -6.37 11.11
CA GLY A 106 -4.14 -6.55 12.37
C GLY A 106 -5.03 -5.37 12.72
N LEU A 107 -4.56 -4.15 12.45
CA LEU A 107 -5.40 -2.98 12.68
C LEU A 107 -6.62 -3.00 11.76
N LEU A 108 -6.40 -3.40 10.51
CA LEU A 108 -7.51 -3.47 9.57
C LEU A 108 -8.55 -4.51 10.01
N ASP A 109 -8.08 -5.64 10.53
CA ASP A 109 -8.98 -6.70 10.97
C ASP A 109 -9.61 -6.45 12.34
N SER A 110 -8.98 -5.61 13.15
CA SER A 110 -9.44 -5.39 14.54
C SER A 110 -9.32 -3.90 14.81
N HIS A 111 -10.28 -3.10 14.34
CA HIS A 111 -11.55 -3.46 13.70
C HIS A 111 -11.93 -2.45 12.62
N LEU A 112 -10.93 -1.91 11.90
CA LEU A 112 -11.21 -0.82 10.97
C LEU A 112 -12.17 -1.24 9.86
N ILE A 113 -11.93 -2.38 9.22
CA ILE A 113 -12.75 -2.75 8.07
C ILE A 113 -14.20 -2.98 8.47
N LYS A 114 -14.43 -3.73 9.55
CA LYS A 114 -15.79 -4.12 9.88
C LYS A 114 -16.65 -2.92 10.24
N GLU A 115 -16.06 -1.82 10.71
CA GLU A 115 -16.82 -0.63 11.07
C GLU A 115 -16.96 0.38 9.92
N ALA A 116 -16.27 0.14 8.80
CA ALA A 116 -16.24 1.08 7.68
C ALA A 116 -17.39 0.78 6.72
N GLY A 117 -18.37 1.68 6.70
CA GLY A 117 -19.56 1.50 5.88
C GLY A 117 -19.65 2.42 4.69
N ASP A 118 -19.03 3.60 4.74
CA ASP A 118 -19.04 4.47 3.58
C ASP A 118 -18.03 3.98 2.56
N ALA A 119 -18.34 4.20 1.28
CA ALA A 119 -17.46 3.70 0.22
C ALA A 119 -16.05 4.22 0.36
N GLU A 120 -15.89 5.51 0.69
CA GLU A 120 -14.57 6.10 0.73
C GLU A 120 -13.69 5.47 1.79
N SER A 121 -14.29 5.08 2.92
CA SER A 121 -13.49 4.45 3.96
C SER A 121 -13.28 2.97 3.67
N ARG A 122 -14.35 2.26 3.27
CA ARG A 122 -14.24 0.83 3.06
C ARG A 122 -13.27 0.50 1.93
N VAL A 123 -13.38 1.21 0.80
CA VAL A 123 -12.45 0.99 -0.31
C VAL A 123 -11.01 1.28 0.12
N PHE A 124 -10.81 2.38 0.87
CA PHE A 124 -9.47 2.73 1.34
C PHE A 124 -8.87 1.61 2.16
N TYR A 125 -9.63 1.05 3.11
CA TYR A 125 -9.09 0.02 3.98
C TYR A 125 -8.85 -1.28 3.23
N LEU A 126 -9.74 -1.62 2.29
CA LEU A 126 -9.55 -2.84 1.50
C LEU A 126 -8.35 -2.71 0.57
N LYS A 127 -8.15 -1.53 -0.01
CA LYS A 127 -6.92 -1.26 -0.76
C LYS A 127 -5.70 -1.47 0.12
N MET A 128 -5.72 -0.93 1.35
N MET A 128 -5.72 -0.91 1.34
CA MET A 128 -4.60 -1.12 2.24
CA MET A 128 -4.60 -1.10 2.26
C MET A 128 -4.37 -2.59 2.53
C MET A 128 -4.36 -2.59 2.51
N LYS A 129 -5.44 -3.35 2.74
CA LYS A 129 -5.29 -4.78 2.99
C LYS A 129 -4.64 -5.46 1.79
N GLY A 130 -5.06 -5.12 0.57
CA GLY A 130 -4.41 -5.67 -0.61
C GLY A 130 -2.94 -5.28 -0.69
N ASP A 131 -2.63 -4.02 -0.39
CA ASP A 131 -1.24 -3.54 -0.42
C ASP A 131 -0.34 -4.33 0.54
N TYR A 132 -0.79 -4.54 1.77
CA TYR A 132 0.10 -5.17 2.75
C TYR A 132 0.22 -6.66 2.51
N TYR A 133 -0.84 -7.32 2.00
CA TYR A 133 -0.64 -8.67 1.49
C TYR A 133 0.28 -8.70 0.29
N ARG A 134 0.23 -7.66 -0.58
CA ARG A 134 1.14 -7.63 -1.72
C ARG A 134 2.58 -7.50 -1.25
N TYR A 135 2.83 -6.68 -0.23
CA TYR A 135 4.20 -6.58 0.30
C TYR A 135 4.66 -7.89 0.92
N LEU A 136 3.76 -8.61 1.62
CA LEU A 136 4.09 -9.97 2.07
C LEU A 136 4.42 -10.87 0.88
N ALA A 137 3.68 -10.74 -0.21
CA ALA A 137 3.91 -11.59 -1.38
C ALA A 137 5.25 -11.30 -2.03
N GLU A 138 5.72 -10.05 -1.96
CA GLU A 138 7.00 -9.70 -2.55
C GLU A 138 8.13 -10.52 -1.97
N VAL A 139 8.01 -10.95 -0.70
CA VAL A 139 9.09 -11.67 -0.02
C VAL A 139 8.76 -13.13 0.19
N ALA A 140 7.55 -13.57 -0.16
CA ALA A 140 7.13 -14.93 0.12
C ALA A 140 7.80 -15.89 -0.86
N THR A 141 8.30 -17.01 -0.32
CA THR A 141 8.94 -18.04 -1.14
C THR A 141 8.47 -19.44 -0.81
N GLY A 142 7.54 -19.60 0.14
CA GLY A 142 7.17 -20.92 0.62
C GLY A 142 5.76 -21.39 0.30
N ASP A 143 5.23 -22.26 1.16
CA ASP A 143 3.99 -22.98 0.87
C ASP A 143 2.73 -22.13 1.04
N ASP A 144 2.83 -20.99 1.72
CA ASP A 144 1.70 -20.09 1.87
C ASP A 144 1.67 -19.00 0.80
N LYS A 145 2.65 -18.98 -0.10
CA LYS A 145 2.75 -17.89 -1.09
C LYS A 145 1.47 -17.75 -1.90
N LYS A 146 0.91 -18.87 -2.35
CA LYS A 146 -0.32 -18.79 -3.13
C LYS A 146 -1.46 -18.20 -2.31
N ARG A 147 -1.56 -18.57 -1.03
CA ARG A 147 -2.65 -18.00 -0.22
C ARG A 147 -2.41 -16.53 0.09
N ILE A 148 -1.16 -16.10 0.25
CA ILE A 148 -0.87 -14.69 0.46
C ILE A 148 -1.27 -13.88 -0.77
N ILE A 149 -0.90 -14.39 -1.96
CA ILE A 149 -1.27 -13.74 -3.21
C ILE A 149 -2.78 -13.68 -3.36
N ASP A 150 -3.48 -14.76 -3.02
CA ASP A 150 -4.93 -14.74 -3.15
C ASP A 150 -5.59 -13.79 -2.15
N SER A 151 -4.99 -13.63 -0.97
CA SER A 151 -5.53 -12.67 -0.01
C SER A 151 -5.39 -11.24 -0.54
N ALA A 152 -4.28 -10.93 -1.17
CA ALA A 152 -4.14 -9.60 -1.79
C ALA A 152 -5.19 -9.43 -2.89
N ARG A 153 -5.30 -10.43 -3.77
CA ARG A 153 -6.24 -10.37 -4.88
C ARG A 153 -7.66 -10.16 -4.38
N SER A 154 -8.06 -10.93 -3.35
CA SER A 154 -9.43 -10.86 -2.86
C SER A 154 -9.75 -9.50 -2.27
N ALA A 155 -8.82 -8.92 -1.52
CA ALA A 155 -9.05 -7.59 -0.94
C ALA A 155 -9.14 -6.54 -2.03
N TYR A 156 -8.22 -6.56 -2.99
CA TYR A 156 -8.28 -5.63 -4.11
C TYR A 156 -9.58 -5.79 -4.88
N GLN A 157 -10.01 -7.03 -5.10
CA GLN A 157 -11.21 -7.26 -5.91
C GLN A 157 -12.44 -6.71 -5.21
N GLU A 158 -12.57 -6.90 -3.90
N GLU A 158 -12.56 -6.93 -3.90
CA GLU A 158 -13.72 -6.33 -3.22
CA GLU A 158 -13.67 -6.34 -3.14
C GLU A 158 -13.67 -4.80 -3.23
C GLU A 158 -13.65 -4.83 -3.26
N ALA A 159 -12.48 -4.22 -3.09
CA ALA A 159 -12.35 -2.77 -3.18
C ALA A 159 -12.74 -2.27 -4.57
N MET A 160 -12.30 -2.97 -5.63
N MET A 160 -12.34 -3.01 -5.60
CA MET A 160 -12.69 -2.59 -6.99
CA MET A 160 -12.64 -2.64 -6.98
C MET A 160 -14.20 -2.65 -7.17
C MET A 160 -14.15 -2.72 -7.25
N ASP A 161 -14.82 -3.74 -6.70
CA ASP A 161 -16.25 -3.90 -6.93
C ASP A 161 -17.03 -2.76 -6.28
N ILE A 162 -16.65 -2.38 -5.05
CA ILE A 162 -17.31 -1.27 -4.38
C ILE A 162 -17.01 0.05 -5.11
N SER A 163 -15.75 0.28 -5.46
CA SER A 163 -15.36 1.54 -6.09
C SER A 163 -16.08 1.76 -7.41
N LYS A 164 -16.27 0.70 -8.19
CA LYS A 164 -16.97 0.85 -9.47
C LYS A 164 -18.45 1.17 -9.26
N LYS A 165 -19.06 0.62 -8.22
CA LYS A 165 -20.47 0.88 -7.97
C LYS A 165 -20.72 2.25 -7.33
N GLU A 166 -19.81 2.70 -6.47
CA GLU A 166 -20.11 3.80 -5.55
C GLU A 166 -19.28 5.06 -5.76
N MET A 167 -18.25 5.03 -6.58
N MET A 167 -18.29 5.06 -6.63
CA MET A 167 -17.37 6.18 -6.76
CA MET A 167 -17.43 6.23 -6.74
C MET A 167 -17.29 6.56 -8.23
C MET A 167 -17.19 6.56 -8.20
N PRO A 168 -17.05 7.84 -8.54
CA PRO A 168 -16.83 8.23 -9.93
C PRO A 168 -15.46 7.75 -10.41
N PRO A 169 -15.29 7.61 -11.73
CA PRO A 169 -14.02 7.08 -12.25
C PRO A 169 -12.83 7.98 -12.00
N THR A 170 -13.05 9.24 -11.62
CA THR A 170 -11.95 10.14 -11.30
C THR A 170 -11.61 10.20 -9.82
N ASN A 171 -12.35 9.48 -8.97
CA ASN A 171 -12.09 9.55 -7.53
C ASN A 171 -10.65 9.12 -7.24
N PRO A 172 -9.88 9.91 -6.46
CA PRO A 172 -8.47 9.54 -6.22
C PRO A 172 -8.28 8.17 -5.57
N ILE A 173 -9.18 7.76 -4.67
N ILE A 173 -9.19 7.75 -4.69
CA ILE A 173 -9.04 6.43 -4.07
CA ILE A 173 -9.06 6.44 -4.07
C ILE A 173 -9.26 5.35 -5.11
C ILE A 173 -9.27 5.34 -5.11
N ARG A 174 -10.31 5.49 -5.93
CA ARG A 174 -10.54 4.55 -7.02
C ARG A 174 -9.34 4.47 -7.94
N LEU A 175 -8.75 5.61 -8.27
CA LEU A 175 -7.61 5.63 -9.18
C LEU A 175 -6.37 4.98 -8.54
N GLY A 176 -6.08 5.34 -7.28
CA GLY A 176 -4.93 4.75 -6.62
C GLY A 176 -5.07 3.25 -6.42
N LEU A 177 -6.28 2.80 -6.09
CA LEU A 177 -6.56 1.37 -6.01
C LEU A 177 -6.27 0.68 -7.33
N ALA A 178 -6.77 1.25 -8.44
CA ALA A 178 -6.57 0.62 -9.74
C ALA A 178 -5.09 0.58 -10.11
N LEU A 179 -4.37 1.66 -9.81
CA LEU A 179 -2.93 1.69 -10.03
C LEU A 179 -2.24 0.52 -9.31
N ASN A 180 -2.57 0.35 -8.01
CA ASN A 180 -1.92 -0.68 -7.22
C ASN A 180 -2.35 -2.09 -7.63
N PHE A 181 -3.63 -2.28 -7.96
CA PHE A 181 -4.08 -3.60 -8.40
C PHE A 181 -3.43 -3.95 -9.72
N SER A 182 -3.23 -2.95 -10.59
N SER A 182 -3.23 -2.95 -10.60
CA SER A 182 -2.53 -3.18 -11.84
CA SER A 182 -2.52 -3.22 -11.85
C SER A 182 -1.08 -3.61 -11.60
C SER A 182 -1.08 -3.65 -11.57
N VAL A 183 -0.40 -2.99 -10.63
CA VAL A 183 0.95 -3.42 -10.26
C VAL A 183 0.94 -4.85 -9.72
N PHE A 184 -0.03 -5.16 -8.86
CA PHE A 184 -0.21 -6.53 -8.39
C PHE A 184 -0.30 -7.50 -9.57
N HIS A 185 -1.15 -7.19 -10.55
CA HIS A 185 -1.26 -8.09 -11.70
C HIS A 185 0.08 -8.25 -12.42
N TYR A 186 0.78 -7.14 -12.62
CA TYR A 186 1.98 -7.16 -13.44
C TYR A 186 3.08 -7.97 -12.78
N GLU A 187 3.35 -7.70 -11.50
CA GLU A 187 4.57 -8.23 -10.91
C GLU A 187 4.36 -9.25 -9.81
N ILE A 188 3.15 -9.45 -9.32
CA ILE A 188 2.87 -10.51 -8.34
C ILE A 188 2.15 -11.68 -8.98
N ALA A 189 1.11 -11.42 -9.77
CA ALA A 189 0.27 -12.46 -10.32
C ALA A 189 0.71 -12.92 -11.71
N ASN A 190 1.82 -12.40 -12.23
CA ASN A 190 2.32 -12.84 -13.54
C ASN A 190 1.27 -12.64 -14.63
N SER A 191 0.56 -11.52 -14.57
CA SER A 191 -0.53 -11.21 -15.51
C SER A 191 -0.32 -9.84 -16.11
N PRO A 192 0.73 -9.64 -16.91
CA PRO A 192 0.98 -8.30 -17.47
C PRO A 192 -0.14 -7.80 -18.36
N GLU A 193 -0.79 -8.67 -19.14
CA GLU A 193 -1.90 -8.20 -19.97
C GLU A 193 -3.04 -7.67 -19.13
N GLU A 194 -3.37 -8.34 -18.03
CA GLU A 194 -4.41 -7.82 -17.15
C GLU A 194 -4.00 -6.48 -16.55
N ALA A 195 -2.73 -6.35 -16.18
CA ALA A 195 -2.23 -5.09 -15.62
C ALA A 195 -2.37 -3.96 -16.62
N ILE A 196 -2.00 -4.22 -17.88
CA ILE A 196 -2.07 -3.19 -18.92
C ILE A 196 -3.52 -2.83 -19.21
N SER A 197 -4.39 -3.84 -19.33
N SER A 197 -4.38 -3.85 -19.34
CA SER A 197 -5.81 -3.59 -19.60
CA SER A 197 -5.79 -3.59 -19.60
C SER A 197 -6.45 -2.78 -18.48
C SER A 197 -6.41 -2.75 -18.49
N LEU A 198 -6.12 -3.09 -17.23
CA LEU A 198 -6.70 -2.34 -16.12
C LEU A 198 -6.20 -0.90 -16.12
N ALA A 199 -4.91 -0.70 -16.34
CA ALA A 199 -4.38 0.66 -16.34
C ALA A 199 -4.99 1.49 -17.47
N LYS A 200 -5.12 0.90 -18.66
CA LYS A 200 -5.66 1.62 -19.81
C LYS A 200 -7.14 1.97 -19.62
N THR A 201 -7.93 0.99 -19.20
N THR A 201 -7.96 0.99 -19.22
CA THR A 201 -9.34 1.21 -18.98
CA THR A 201 -9.37 1.32 -19.02
C THR A 201 -9.59 2.25 -17.88
C THR A 201 -9.56 2.32 -17.89
N THR A 202 -8.81 2.18 -16.80
CA THR A 202 -8.93 3.15 -15.71
C THR A 202 -8.58 4.55 -16.20
N PHE A 203 -7.47 4.68 -16.94
CA PHE A 203 -7.08 5.98 -17.47
C PHE A 203 -8.16 6.56 -18.37
N ASP A 204 -8.67 5.75 -19.30
CA ASP A 204 -9.61 6.26 -20.30
C ASP A 204 -10.94 6.64 -19.67
N GLU A 205 -11.41 5.85 -18.71
CA GLU A 205 -12.65 6.22 -18.03
C GLU A 205 -12.50 7.47 -17.17
N ALA A 206 -11.33 7.67 -16.57
CA ALA A 206 -11.12 8.90 -15.84
C ALA A 206 -11.08 10.09 -16.79
N MET A 207 -10.35 9.96 -17.90
CA MET A 207 -10.28 11.04 -18.88
C MET A 207 -11.66 11.53 -19.28
N ALA A 208 -12.58 10.60 -19.52
CA ALA A 208 -13.92 10.93 -19.96
C ALA A 208 -14.75 11.64 -18.91
N ASP A 209 -14.35 11.60 -17.64
CA ASP A 209 -15.13 12.17 -16.55
C ASP A 209 -14.48 13.46 -16.03
N LEU A 210 -13.31 13.83 -16.55
CA LEU A 210 -12.64 15.05 -16.08
C LEU A 210 -13.50 16.30 -16.26
N HIS A 211 -14.35 16.33 -17.29
CA HIS A 211 -15.13 17.53 -17.59
C HIS A 211 -16.08 17.89 -16.46
N THR A 212 -16.37 16.96 -15.55
CA THR A 212 -17.31 17.18 -14.46
C THR A 212 -16.66 17.86 -13.25
N LEU A 213 -15.35 18.02 -13.25
CA LEU A 213 -14.57 18.35 -12.05
C LEU A 213 -14.23 19.83 -11.98
N SER A 214 -14.07 20.30 -10.74
CA SER A 214 -13.45 21.59 -10.48
C SER A 214 -11.97 21.55 -10.83
N GLU A 215 -11.35 22.73 -10.84
CA GLU A 215 -9.93 22.80 -11.14
C GLU A 215 -9.11 22.01 -10.13
N ASP A 216 -9.45 22.10 -8.84
CA ASP A 216 -8.68 21.40 -7.82
C ASP A 216 -8.86 19.90 -7.92
N SER A 217 -10.08 19.43 -8.18
CA SER A 217 -10.28 17.99 -8.35
C SER A 217 -9.60 17.49 -9.61
N TYR A 218 -9.64 18.29 -10.68
CA TYR A 218 -8.94 17.94 -11.91
C TYR A 218 -7.46 17.73 -11.64
N LYS A 219 -6.84 18.61 -10.86
CA LYS A 219 -5.43 18.45 -10.54
C LYS A 219 -5.19 17.16 -9.75
N ASP A 220 -6.06 16.85 -8.79
CA ASP A 220 -5.90 15.62 -8.00
C ASP A 220 -5.98 14.39 -8.89
N SER A 221 -6.97 14.35 -9.77
CA SER A 221 -7.19 13.16 -10.58
C SER A 221 -6.12 12.99 -11.64
N THR A 222 -5.75 14.08 -12.33
CA THR A 222 -4.75 13.97 -13.39
C THR A 222 -3.38 13.58 -12.84
N LEU A 223 -3.06 13.94 -11.60
CA LEU A 223 -1.80 13.51 -11.01
C LEU A 223 -1.71 11.99 -10.97
N ILE A 224 -2.79 11.33 -10.54
CA ILE A 224 -2.77 9.87 -10.47
C ILE A 224 -2.87 9.26 -11.86
N MET A 225 -3.63 9.88 -12.76
CA MET A 225 -3.66 9.38 -14.12
C MET A 225 -2.27 9.33 -14.72
N GLN A 226 -1.42 10.31 -14.39
CA GLN A 226 -0.08 10.32 -14.94
C GLN A 226 0.72 9.12 -14.45
N LEU A 227 0.47 8.65 -13.22
CA LEU A 227 1.14 7.44 -12.75
C LEU A 227 0.72 6.23 -13.56
N LEU A 228 -0.58 6.12 -13.86
CA LEU A 228 -1.05 5.06 -14.75
C LEU A 228 -0.37 5.14 -16.11
N ARG A 229 -0.27 6.36 -16.66
CA ARG A 229 0.41 6.55 -17.94
C ARG A 229 1.88 6.17 -17.85
N ASP A 230 2.55 6.54 -16.75
CA ASP A 230 3.94 6.16 -16.57
C ASP A 230 4.11 4.65 -16.66
N ASN A 231 3.23 3.90 -16.02
CA ASN A 231 3.32 2.46 -16.06
C ASN A 231 3.03 1.92 -17.46
N LEU A 232 2.01 2.45 -18.13
CA LEU A 232 1.72 2.01 -19.49
C LEU A 232 2.91 2.25 -20.41
N THR A 233 3.59 3.39 -20.26
CA THR A 233 4.76 3.66 -21.09
C THR A 233 5.89 2.69 -20.78
N LEU A 234 6.08 2.35 -19.51
CA LEU A 234 7.11 1.40 -19.13
C LEU A 234 6.80 0.00 -19.65
N TRP A 235 5.52 -0.39 -19.64
CA TRP A 235 5.12 -1.77 -19.88
C TRP A 235 4.81 -2.07 -21.34
N THR A 236 4.71 -1.06 -22.19
CA THR A 236 4.38 -1.23 -23.59
C THR A 236 5.43 -0.62 -24.51
N ARG B 2 14.11 2.76 -14.48
CA ARG B 2 12.77 3.29 -14.20
C ARG B 2 11.90 2.26 -13.49
N ARG B 3 11.64 2.49 -12.21
CA ARG B 3 10.78 1.61 -11.42
C ARG B 3 9.32 2.00 -11.63
N ARG B 4 8.46 0.98 -11.79
CA ARG B 4 7.03 1.22 -11.97
C ARG B 4 6.47 1.97 -10.76
N LYS B 5 5.39 2.72 -11.00
CA LYS B 5 4.76 3.52 -9.97
C LYS B 5 3.69 2.74 -9.22
N CYS B 7 0.94 3.68 -5.68
CA CYS B 7 0.31 4.86 -5.14
C CYS B 7 1.03 5.34 -3.86
N GLN B 8 1.82 6.40 -3.99
CA GLN B 8 2.65 6.86 -2.88
C GLN B 8 2.42 8.34 -2.57
#